data_4FHI
#
_entry.id   4FHI
#
_cell.length_a   66.3
_cell.length_b   66.3
_cell.length_c   264.509
_cell.angle_alpha   90
_cell.angle_beta   90
_cell.angle_gamma   120
#
_symmetry.space_group_name_H-M   'P 65 2 2'
#
loop_
_entity.id
_entity.type
_entity.pdbx_description
1 polymer 'Vitamin Nuclear Receptor'
2 polymer SRC-1
3 non-polymer N-hydroxy-2-{4-[3-(4-{[(2R)-2-hydroxy-3,3-dimethylbutyl]oxy}-3-methylphenyl)pentan-3-yl]-2-methylphenoxy}acetamide
4 water water
#
loop_
_entity_poly.entity_id
_entity_poly.type
_entity_poly.pdbx_seq_one_letter_code
_entity_poly.pdbx_strand_id
1 'polypeptide(L)'
;HMLSDEQMQIINSLVEAHHKTYDDSYSDFVRFRPPVREGPVTRSASRAASLHSLSDASSDSFNHSPESVDTKLNFSNLLM
MYQDSGSPDSSEEDQQSRLSMLPHLADLVSYSIQKVIGFAKMIPGFRDLTAEDQIALLKSSAIEIIMLRSNQSFSLEDMS
WSCGGPDFKYCINDVTKAGHTLELLEPLVKFQVGLKKLKLHEEEHVLLMAICLLSPDRPGVQDHVRIEALQDRLCDVLQA
YIRIQHPGGRLLYAKMIQKLADLRSLNEEHSKQYRSLSFQPEHSMQLTPLVLEVFGSEVS
;
A
2 'polypeptide(L)' KHKILHRLLQDSS B
#
# COMPACT_ATOMS: atom_id res chain seq x y z
N MET A 2 3.72 15.56 -25.94
CA MET A 2 4.48 14.37 -25.45
C MET A 2 5.16 14.63 -24.11
N LEU A 3 5.63 13.55 -23.47
CA LEU A 3 6.29 13.64 -22.17
C LEU A 3 7.73 14.14 -22.28
N SER A 4 8.21 14.79 -21.22
CA SER A 4 9.57 15.31 -21.20
C SER A 4 10.50 14.21 -20.70
N ASP A 5 11.79 14.38 -20.89
CA ASP A 5 12.74 13.38 -20.45
C ASP A 5 12.69 13.17 -18.94
N GLU A 6 12.67 14.26 -18.18
CA GLU A 6 12.62 14.12 -16.74
C GLU A 6 11.32 13.42 -16.31
N GLN A 7 10.23 13.73 -17.01
CA GLN A 7 8.95 13.12 -16.73
C GLN A 7 8.99 11.61 -16.98
N MET A 8 9.72 11.21 -18.01
CA MET A 8 9.85 9.81 -18.35
C MET A 8 10.83 9.09 -17.44
N GLN A 9 11.89 9.79 -17.03
CA GLN A 9 12.88 9.21 -16.15
C GLN A 9 12.21 8.83 -14.83
N ILE A 10 11.28 9.66 -14.38
CA ILE A 10 10.54 9.41 -13.16
C ILE A 10 9.71 8.14 -13.33
N ILE A 11 9.04 8.00 -14.45
CA ILE A 11 8.25 6.81 -14.70
C ILE A 11 9.13 5.56 -14.72
N ASN A 12 10.29 5.64 -15.37
CA ASN A 12 11.20 4.51 -15.43
C ASN A 12 11.70 4.13 -14.04
N SER A 13 11.97 5.14 -13.22
CA SER A 13 12.46 4.89 -11.87
C SER A 13 11.42 4.20 -10.98
N LEU A 14 10.16 4.62 -11.09
CA LEU A 14 9.12 4.01 -10.28
C LEU A 14 8.84 2.57 -10.71
N VAL A 15 8.72 2.36 -12.02
CA VAL A 15 8.44 1.02 -12.55
C VAL A 15 9.56 0.05 -12.15
N GLU A 16 10.79 0.54 -12.11
CA GLU A 16 11.91 -0.30 -11.74
C GLU A 16 11.95 -0.55 -10.23
N ALA A 17 11.55 0.44 -9.45
CA ALA A 17 11.54 0.32 -7.99
C ALA A 17 10.46 -0.68 -7.59
N HIS A 18 9.36 -0.66 -8.32
CA HIS A 18 8.26 -1.56 -8.08
C HIS A 18 8.65 -3.00 -8.42
N HIS A 19 9.21 -3.20 -9.62
CA HIS A 19 9.65 -4.53 -10.04
C HIS A 19 10.65 -5.14 -9.06
N LYS A 20 11.45 -4.27 -8.48
CA LYS A 20 12.47 -4.67 -7.52
C LYS A 20 11.89 -4.97 -6.15
N THR A 21 10.65 -4.54 -5.91
CA THR A 21 10.03 -4.75 -4.61
C THR A 21 8.73 -5.53 -4.66
N TYR A 22 8.34 -5.99 -5.84
CA TYR A 22 7.11 -6.77 -5.95
C TYR A 22 7.41 -8.11 -6.64
N ASP A 23 7.43 -9.18 -5.85
CA ASP A 23 7.73 -10.52 -6.33
C ASP A 23 6.51 -11.23 -6.90
N ASP A 24 6.52 -11.41 -8.22
CA ASP A 24 5.42 -12.08 -8.92
C ASP A 24 5.33 -13.58 -8.67
N SER A 25 6.42 -14.18 -8.20
CA SER A 25 6.41 -15.61 -7.92
C SER A 25 5.86 -15.91 -6.53
N TYR A 26 5.78 -14.88 -5.68
CA TYR A 26 5.28 -15.01 -4.32
C TYR A 26 6.00 -16.13 -3.55
N SER A 27 7.25 -16.40 -3.92
CA SER A 27 8.03 -17.46 -3.29
C SER A 27 8.44 -17.18 -1.84
N ASP A 28 7.93 -16.10 -1.26
CA ASP A 28 8.28 -15.79 0.13
C ASP A 28 7.13 -16.11 1.08
N PHE A 29 5.96 -16.41 0.53
CA PHE A 29 4.80 -16.73 1.34
C PHE A 29 4.97 -18.09 2.07
N VAL A 30 5.88 -18.93 1.59
CA VAL A 30 6.11 -20.22 2.25
C VAL A 30 6.89 -20.00 3.54
N ARG A 31 7.54 -18.85 3.66
CA ARG A 31 8.29 -18.55 4.87
C ARG A 31 7.44 -17.95 6.00
N PHE A 32 6.20 -17.60 5.70
CA PHE A 32 5.29 -17.02 6.70
C PHE A 32 4.74 -18.13 7.57
N ARG A 33 4.20 -17.76 8.74
CA ARG A 33 3.56 -18.71 9.61
C ARG A 33 2.42 -19.20 8.72
N PRO A 34 2.31 -20.52 8.54
CA PRO A 34 1.25 -21.07 7.70
C PRO A 34 -0.16 -20.63 8.04
N PRO A 35 -1.00 -20.43 7.01
CA PRO A 35 -2.38 -20.01 7.25
C PRO A 35 -3.20 -21.17 7.82
N VAL A 36 -4.24 -20.83 8.59
CA VAL A 36 -5.11 -21.83 9.18
C VAL A 36 -6.54 -21.39 8.95
N ARG A 37 -7.23 -22.07 8.06
CA ARG A 37 -8.62 -21.73 7.74
C ARG A 37 -9.60 -22.68 8.39
N ARG A 98 -9.79 -18.92 17.64
CA ARG A 98 -10.04 -17.48 17.57
C ARG A 98 -8.96 -16.77 16.76
N LEU A 99 -9.36 -16.16 15.64
CA LEU A 99 -8.43 -15.44 14.76
C LEU A 99 -7.30 -16.34 14.31
N SER A 100 -7.65 -17.43 13.63
CA SER A 100 -6.70 -18.41 13.15
C SER A 100 -5.83 -17.91 12.00
N MET A 101 -6.30 -16.89 11.30
CA MET A 101 -5.56 -16.33 10.17
C MET A 101 -4.64 -15.19 10.55
N LEU A 102 -4.73 -14.73 11.80
CA LEU A 102 -3.92 -13.63 12.28
C LEU A 102 -2.41 -13.84 12.09
N PRO A 103 -1.88 -15.01 12.48
CA PRO A 103 -0.44 -15.24 12.33
C PRO A 103 0.04 -15.09 10.89
N HIS A 104 -0.62 -15.79 9.97
CA HIS A 104 -0.25 -15.73 8.56
C HIS A 104 -0.39 -14.33 7.97
N LEU A 105 -1.55 -13.71 8.16
CA LEU A 105 -1.78 -12.37 7.61
C LEU A 105 -0.91 -11.29 8.26
N ALA A 106 -0.42 -11.57 9.47
CA ALA A 106 0.44 -10.63 10.17
C ALA A 106 1.79 -10.66 9.45
N ASP A 107 2.27 -11.86 9.14
CA ASP A 107 3.53 -12.02 8.42
C ASP A 107 3.44 -11.44 7.00
N LEU A 108 2.29 -11.59 6.36
CA LEU A 108 2.09 -11.05 5.02
C LEU A 108 2.25 -9.54 5.05
N VAL A 109 1.49 -8.90 5.94
CA VAL A 109 1.54 -7.46 6.09
C VAL A 109 2.92 -6.97 6.49
N SER A 110 3.59 -7.71 7.35
CA SER A 110 4.92 -7.32 7.80
C SER A 110 5.90 -7.33 6.65
N TYR A 111 5.76 -8.37 5.82
CA TYR A 111 6.59 -8.54 4.65
C TYR A 111 6.25 -7.42 3.64
N SER A 112 4.97 -7.09 3.50
CA SER A 112 4.57 -6.04 2.57
C SER A 112 5.07 -4.65 3.00
N ILE A 113 5.13 -4.42 4.31
CA ILE A 113 5.61 -3.15 4.81
C ILE A 113 7.08 -2.99 4.39
N GLN A 114 7.85 -4.06 4.51
CA GLN A 114 9.27 -4.02 4.11
C GLN A 114 9.41 -3.70 2.63
N LYS A 115 8.46 -4.17 1.82
CA LYS A 115 8.49 -3.92 0.39
C LYS A 115 8.12 -2.48 0.05
N VAL A 116 7.14 -1.94 0.79
CA VAL A 116 6.67 -0.59 0.63
C VAL A 116 7.81 0.38 1.00
N ILE A 117 8.59 0.00 2.01
CA ILE A 117 9.71 0.83 2.46
C ILE A 117 10.77 0.81 1.37
N GLY A 118 11.02 -0.37 0.81
CA GLY A 118 11.99 -0.51 -0.26
C GLY A 118 11.56 0.38 -1.41
N PHE A 119 10.28 0.34 -1.75
CA PHE A 119 9.74 1.15 -2.82
C PHE A 119 9.88 2.65 -2.54
N ALA A 120 9.40 3.06 -1.36
CA ALA A 120 9.43 4.46 -0.95
C ALA A 120 10.82 5.08 -1.11
N LYS A 121 11.84 4.38 -0.66
CA LYS A 121 13.21 4.86 -0.75
C LYS A 121 13.68 5.09 -2.18
N MET A 122 12.93 4.58 -3.15
CA MET A 122 13.29 4.76 -4.55
C MET A 122 12.43 5.80 -5.25
N ILE A 123 11.42 6.32 -4.56
CA ILE A 123 10.59 7.35 -5.14
C ILE A 123 11.46 8.61 -5.17
N PRO A 124 11.67 9.19 -6.35
CA PRO A 124 12.52 10.40 -6.43
C PRO A 124 12.08 11.53 -5.49
N GLY A 125 12.99 11.92 -4.60
CA GLY A 125 12.70 12.98 -3.65
C GLY A 125 12.44 12.51 -2.23
N PHE A 126 12.04 11.24 -2.08
CA PHE A 126 11.74 10.68 -0.77
C PHE A 126 12.97 10.54 0.12
N ARG A 127 14.05 10.02 -0.45
CA ARG A 127 15.29 9.79 0.28
C ARG A 127 15.88 11.08 0.90
N ASP A 128 15.50 12.23 0.36
CA ASP A 128 16.02 13.51 0.84
C ASP A 128 15.20 14.19 1.94
N LEU A 129 14.11 13.56 2.36
CA LEU A 129 13.27 14.13 3.41
C LEU A 129 13.92 13.82 4.76
N THR A 130 13.38 14.41 5.83
CA THR A 130 13.89 14.13 7.16
C THR A 130 13.44 12.70 7.50
N ALA A 131 14.23 11.98 8.29
CA ALA A 131 13.85 10.63 8.65
C ALA A 131 12.45 10.69 9.27
N GLU A 132 12.19 11.78 9.98
CA GLU A 132 10.90 11.96 10.63
C GLU A 132 9.74 11.99 9.65
N ASP A 133 9.89 12.73 8.55
CA ASP A 133 8.82 12.81 7.56
C ASP A 133 8.63 11.48 6.85
N GLN A 134 9.73 10.81 6.53
CA GLN A 134 9.68 9.51 5.88
C GLN A 134 8.87 8.58 6.78
N ILE A 135 9.12 8.63 8.08
CA ILE A 135 8.39 7.80 9.04
C ILE A 135 6.92 8.18 9.02
N ALA A 136 6.65 9.47 9.18
CA ALA A 136 5.29 9.99 9.21
C ALA A 136 4.52 9.60 7.96
N LEU A 137 5.20 9.58 6.82
CA LEU A 137 4.55 9.20 5.57
C LEU A 137 4.28 7.70 5.49
N LEU A 138 5.28 6.89 5.83
CA LEU A 138 5.13 5.43 5.78
C LEU A 138 4.06 4.94 6.75
N LYS A 139 4.15 5.39 7.99
CA LYS A 139 3.20 4.99 9.02
C LYS A 139 1.77 5.33 8.66
N SER A 140 1.55 6.51 8.11
CA SER A 140 0.20 6.91 7.74
C SER A 140 -0.32 6.34 6.43
N SER A 141 0.57 5.99 5.50
CA SER A 141 0.08 5.45 4.23
C SER A 141 0.34 3.97 3.97
N ALA A 142 1.08 3.32 4.86
CA ALA A 142 1.41 1.91 4.69
C ALA A 142 0.26 1.03 4.25
N ILE A 143 -0.81 0.98 5.04
CA ILE A 143 -1.94 0.15 4.71
C ILE A 143 -2.61 0.46 3.36
N GLU A 144 -2.63 1.73 2.95
CA GLU A 144 -3.24 2.10 1.67
C GLU A 144 -2.36 1.61 0.52
N ILE A 145 -1.04 1.79 0.67
CA ILE A 145 -0.11 1.33 -0.34
C ILE A 145 -0.23 -0.19 -0.48
N ILE A 146 -0.36 -0.87 0.66
CA ILE A 146 -0.51 -2.31 0.70
C ILE A 146 -1.81 -2.73 -0.01
N MET A 147 -2.89 -2.01 0.22
CA MET A 147 -4.15 -2.33 -0.44
C MET A 147 -3.99 -2.12 -1.95
N LEU A 148 -3.21 -1.11 -2.32
CA LEU A 148 -2.96 -0.82 -3.73
C LEU A 148 -2.11 -1.94 -4.35
N ARG A 149 -1.07 -2.37 -3.65
CA ARG A 149 -0.20 -3.45 -4.15
C ARG A 149 -0.96 -4.76 -4.34
N SER A 150 -1.83 -5.09 -3.38
CA SER A 150 -2.58 -6.34 -3.41
C SER A 150 -3.50 -6.48 -4.63
N ASN A 151 -3.95 -5.37 -5.19
CA ASN A 151 -4.83 -5.41 -6.34
C ASN A 151 -4.23 -6.20 -7.51
N GLN A 152 -2.91 -6.23 -7.58
CA GLN A 152 -2.22 -6.96 -8.63
C GLN A 152 -2.57 -8.44 -8.63
N SER A 153 -2.85 -8.98 -7.45
CA SER A 153 -3.18 -10.39 -7.34
C SER A 153 -4.67 -10.61 -7.16
N PHE A 154 -5.45 -9.53 -7.21
CA PHE A 154 -6.90 -9.64 -7.05
C PHE A 154 -7.56 -10.11 -8.34
N SER A 155 -8.58 -10.94 -8.22
CA SER A 155 -9.31 -11.43 -9.39
C SER A 155 -10.78 -11.07 -9.34
N LEU A 156 -11.27 -10.51 -10.45
CA LEU A 156 -12.67 -10.10 -10.56
C LEU A 156 -13.63 -11.27 -10.68
N GLU A 157 -13.09 -12.47 -10.89
CA GLU A 157 -13.94 -13.65 -11.00
C GLU A 157 -14.36 -14.17 -9.63
N ASP A 158 -13.38 -14.63 -8.85
CA ASP A 158 -13.64 -15.18 -7.52
C ASP A 158 -13.61 -14.13 -6.41
N MET A 159 -13.31 -12.89 -6.77
CA MET A 159 -13.25 -11.81 -5.79
C MET A 159 -12.26 -12.14 -4.67
N SER A 160 -11.10 -12.63 -5.06
CA SER A 160 -10.09 -12.98 -4.08
C SER A 160 -8.69 -12.61 -4.54
N TRP A 161 -7.70 -12.93 -3.70
CA TRP A 161 -6.31 -12.65 -3.99
C TRP A 161 -5.59 -13.99 -4.19
N SER A 162 -4.96 -14.17 -5.34
CA SER A 162 -4.25 -15.42 -5.64
C SER A 162 -2.74 -15.19 -5.71
N CYS A 163 -2.03 -15.71 -4.72
CA CYS A 163 -0.57 -15.53 -4.66
C CYS A 163 0.27 -16.80 -4.79
N GLY A 164 0.07 -17.52 -5.89
CA GLY A 164 0.82 -18.74 -6.12
C GLY A 164 -0.05 -19.97 -6.02
N GLY A 165 -0.15 -20.55 -4.82
CA GLY A 165 -0.95 -21.73 -4.63
C GLY A 165 -2.30 -21.47 -3.99
N PRO A 166 -3.09 -22.53 -3.76
CA PRO A 166 -4.43 -22.46 -3.15
C PRO A 166 -4.33 -22.11 -1.66
N ASP A 167 -3.16 -22.38 -1.07
CA ASP A 167 -2.92 -22.06 0.33
C ASP A 167 -2.94 -20.55 0.46
N PHE A 168 -2.35 -19.90 -0.53
CA PHE A 168 -2.24 -18.45 -0.58
C PHE A 168 -3.28 -17.80 -1.48
N LYS A 169 -4.51 -18.26 -1.34
CA LYS A 169 -5.63 -17.70 -2.09
C LYS A 169 -6.47 -17.16 -0.95
N TYR A 170 -6.63 -15.85 -0.89
CA TYR A 170 -7.39 -15.28 0.21
C TYR A 170 -8.77 -14.77 -0.16
N CYS A 171 -9.74 -15.09 0.67
CA CYS A 171 -11.11 -14.67 0.49
C CYS A 171 -11.44 -13.69 1.60
N ILE A 172 -12.56 -13.00 1.50
CA ILE A 172 -12.95 -12.06 2.54
C ILE A 172 -13.06 -12.80 3.86
N ASN A 173 -13.42 -14.07 3.80
CA ASN A 173 -13.55 -14.90 4.99
C ASN A 173 -12.21 -15.00 5.74
N ASP A 174 -11.11 -15.06 5.00
CA ASP A 174 -9.79 -15.17 5.61
C ASP A 174 -9.42 -13.99 6.48
N VAL A 175 -9.74 -12.79 6.01
CA VAL A 175 -9.41 -11.58 6.75
C VAL A 175 -10.27 -11.51 8.01
N THR A 176 -11.46 -12.08 7.92
CA THR A 176 -12.37 -12.13 9.06
C THR A 176 -11.69 -12.91 10.18
N LYS A 177 -10.96 -13.96 9.81
CA LYS A 177 -10.25 -14.79 10.77
C LYS A 177 -8.97 -14.11 11.25
N ALA A 178 -8.81 -12.84 10.93
CA ALA A 178 -7.64 -12.10 11.36
C ALA A 178 -8.07 -10.91 12.20
N GLY A 179 -9.35 -10.92 12.60
CA GLY A 179 -9.88 -9.86 13.44
C GLY A 179 -10.62 -8.71 12.76
N HIS A 180 -10.95 -8.86 11.48
CA HIS A 180 -11.66 -7.79 10.77
C HIS A 180 -13.11 -8.11 10.47
N THR A 181 -13.90 -7.05 10.30
CA THR A 181 -15.32 -7.20 10.03
C THR A 181 -15.67 -6.66 8.65
N LEU A 182 -16.88 -6.99 8.20
CA LEU A 182 -17.39 -6.55 6.92
C LEU A 182 -17.42 -5.02 6.88
N GLU A 183 -17.45 -4.42 8.07
CA GLU A 183 -17.45 -2.97 8.20
C GLU A 183 -16.28 -2.42 7.37
N LEU A 184 -15.23 -3.22 7.26
CA LEU A 184 -14.04 -2.84 6.51
C LEU A 184 -13.92 -3.61 5.20
N LEU A 185 -14.15 -4.91 5.26
CA LEU A 185 -14.03 -5.78 4.10
C LEU A 185 -14.99 -5.49 2.96
N GLU A 186 -16.19 -5.02 3.26
CA GLU A 186 -17.15 -4.70 2.19
C GLU A 186 -16.55 -3.60 1.32
N PRO A 187 -16.23 -2.44 1.94
CA PRO A 187 -15.63 -1.34 1.16
C PRO A 187 -14.32 -1.75 0.49
N LEU A 188 -13.57 -2.63 1.14
CA LEU A 188 -12.28 -3.08 0.63
C LEU A 188 -12.41 -3.83 -0.70
N VAL A 189 -13.33 -4.79 -0.77
CA VAL A 189 -13.51 -5.56 -1.98
C VAL A 189 -14.06 -4.69 -3.11
N LYS A 190 -14.89 -3.73 -2.73
CA LYS A 190 -15.50 -2.79 -3.67
C LYS A 190 -14.39 -1.92 -4.27
N PHE A 191 -13.45 -1.52 -3.43
CA PHE A 191 -12.33 -0.70 -3.87
C PHE A 191 -11.47 -1.52 -4.82
N GLN A 192 -11.22 -2.78 -4.46
CA GLN A 192 -10.41 -3.67 -5.29
C GLN A 192 -11.05 -3.87 -6.66
N VAL A 193 -12.37 -4.08 -6.68
CA VAL A 193 -13.11 -4.28 -7.92
C VAL A 193 -13.10 -3.03 -8.81
N GLY A 194 -13.39 -1.87 -8.23
CA GLY A 194 -13.40 -0.65 -9.01
C GLY A 194 -12.02 -0.29 -9.51
N LEU A 195 -11.01 -0.66 -8.72
CA LEU A 195 -9.63 -0.38 -9.09
C LEU A 195 -9.23 -1.30 -10.23
N LYS A 196 -9.57 -2.58 -10.09
CA LYS A 196 -9.25 -3.58 -11.08
C LYS A 196 -9.90 -3.21 -12.42
N LYS A 197 -11.09 -2.63 -12.36
CA LYS A 197 -11.81 -2.24 -13.57
C LYS A 197 -11.18 -1.07 -14.32
N LEU A 198 -10.36 -0.26 -13.64
CA LEU A 198 -9.71 0.86 -14.32
C LEU A 198 -8.64 0.35 -15.26
N LYS A 199 -8.31 -0.93 -15.16
CA LYS A 199 -7.27 -1.55 -16.00
C LYS A 199 -6.05 -0.64 -16.17
N LEU A 200 -5.44 -0.26 -15.05
CA LEU A 200 -4.29 0.62 -15.08
C LEU A 200 -3.07 -0.02 -15.72
N HIS A 201 -2.26 0.81 -16.37
CA HIS A 201 -1.03 0.31 -16.96
C HIS A 201 -0.10 0.29 -15.76
N GLU A 202 0.94 -0.53 -15.83
CA GLU A 202 1.89 -0.63 -14.74
C GLU A 202 2.39 0.78 -14.33
N GLU A 203 2.55 1.65 -15.31
CA GLU A 203 3.06 3.01 -15.09
C GLU A 203 2.10 3.89 -14.27
N GLU A 204 0.81 3.66 -14.42
CA GLU A 204 -0.20 4.42 -13.71
C GLU A 204 -0.41 3.86 -12.30
N HIS A 205 -0.39 2.54 -12.19
CA HIS A 205 -0.53 1.85 -10.92
C HIS A 205 0.62 2.28 -10.01
N VAL A 206 1.84 2.27 -10.56
CA VAL A 206 3.01 2.65 -9.80
C VAL A 206 2.97 4.14 -9.41
N LEU A 207 2.51 5.00 -10.32
CA LEU A 207 2.43 6.43 -10.03
C LEU A 207 1.43 6.64 -8.90
N LEU A 208 0.32 5.92 -8.94
CA LEU A 208 -0.71 6.02 -7.92
C LEU A 208 -0.14 5.70 -6.54
N MET A 209 0.76 4.73 -6.47
CA MET A 209 1.36 4.35 -5.19
C MET A 209 2.35 5.39 -4.73
N ALA A 210 3.00 6.05 -5.69
CA ALA A 210 3.96 7.08 -5.32
C ALA A 210 3.18 8.32 -4.90
N ILE A 211 2.08 8.59 -5.61
CA ILE A 211 1.23 9.73 -5.33
C ILE A 211 0.66 9.58 -3.91
N CYS A 212 0.16 8.38 -3.63
CA CYS A 212 -0.43 8.06 -2.35
C CYS A 212 0.59 8.25 -1.22
N LEU A 213 1.75 7.65 -1.37
CA LEU A 213 2.79 7.73 -0.36
C LEU A 213 3.32 9.16 -0.16
N LEU A 214 3.21 9.99 -1.19
CA LEU A 214 3.67 11.37 -1.06
C LEU A 214 2.56 12.39 -0.80
N SER A 215 1.55 11.99 -0.04
CA SER A 215 0.46 12.89 0.30
C SER A 215 0.94 13.74 1.49
N PRO A 216 0.98 15.08 1.34
CA PRO A 216 1.43 15.91 2.46
C PRO A 216 0.41 16.01 3.60
N ASP A 217 -0.85 15.74 3.28
CA ASP A 217 -1.94 15.79 4.25
C ASP A 217 -2.08 14.56 5.13
N ARG A 218 -1.04 14.31 5.91
CA ARG A 218 -1.01 13.17 6.82
C ARG A 218 -0.54 13.71 8.16
N PRO A 219 -0.94 13.05 9.27
CA PRO A 219 -0.50 13.54 10.57
C PRO A 219 1.01 13.34 10.77
N GLY A 220 1.65 14.26 11.48
CA GLY A 220 3.07 14.15 11.74
C GLY A 220 4.02 14.71 10.70
N VAL A 221 3.48 15.14 9.55
CA VAL A 221 4.33 15.68 8.49
C VAL A 221 4.77 17.12 8.79
N GLN A 222 6.09 17.32 8.88
CA GLN A 222 6.62 18.64 9.17
C GLN A 222 6.63 19.54 7.94
N ASP A 223 7.51 19.22 6.99
CA ASP A 223 7.64 20.02 5.78
C ASP A 223 6.65 19.62 4.68
N HIS A 224 5.39 20.03 4.84
CA HIS A 224 4.37 19.70 3.84
C HIS A 224 4.37 20.63 2.63
N VAL A 225 5.53 21.25 2.37
CA VAL A 225 5.69 22.15 1.23
C VAL A 225 6.59 21.44 0.23
N ARG A 226 7.64 20.80 0.76
CA ARG A 226 8.58 20.06 -0.08
C ARG A 226 7.88 18.80 -0.57
N ILE A 227 7.01 18.23 0.28
CA ILE A 227 6.27 17.03 -0.06
C ILE A 227 5.07 17.35 -0.95
N GLU A 228 4.49 18.53 -0.73
CA GLU A 228 3.36 18.98 -1.54
C GLU A 228 3.88 19.08 -2.97
N ALA A 229 5.14 19.53 -3.10
CA ALA A 229 5.79 19.70 -4.38
C ALA A 229 6.08 18.37 -5.09
N LEU A 230 6.76 17.46 -4.38
CA LEU A 230 7.09 16.16 -4.93
C LEU A 230 5.85 15.45 -5.46
N GLN A 231 4.75 15.58 -4.73
CA GLN A 231 3.51 14.94 -5.16
C GLN A 231 2.91 15.63 -6.37
N ASP A 232 3.05 16.96 -6.44
CA ASP A 232 2.52 17.72 -7.59
C ASP A 232 3.24 17.24 -8.83
N ARG A 233 4.55 17.20 -8.74
CA ARG A 233 5.39 16.75 -9.84
C ARG A 233 4.87 15.40 -10.34
N LEU A 234 4.65 14.46 -9.42
CA LEU A 234 4.15 13.13 -9.75
C LEU A 234 2.76 13.15 -10.36
N CYS A 235 1.85 13.92 -9.76
CA CYS A 235 0.48 14.04 -10.25
C CYS A 235 0.38 14.50 -11.70
N ASP A 236 1.32 15.34 -12.13
CA ASP A 236 1.26 15.79 -13.50
C ASP A 236 1.89 14.79 -14.45
N VAL A 237 2.87 14.03 -13.95
CA VAL A 237 3.51 12.99 -14.74
C VAL A 237 2.41 12.02 -15.14
N LEU A 238 1.62 11.61 -14.15
CA LEU A 238 0.53 10.67 -14.37
C LEU A 238 -0.53 11.29 -15.28
N GLN A 239 -0.79 12.57 -15.09
CA GLN A 239 -1.79 13.27 -15.88
C GLN A 239 -1.35 13.35 -17.34
N ALA A 240 -0.05 13.57 -17.55
CA ALA A 240 0.51 13.66 -18.88
C ALA A 240 0.50 12.27 -19.54
N TYR A 241 0.91 11.25 -18.79
CA TYR A 241 0.95 9.89 -19.30
C TYR A 241 -0.44 9.42 -19.81
N ILE A 242 -1.48 9.67 -19.02
CA ILE A 242 -2.84 9.27 -19.37
C ILE A 242 -3.32 9.95 -20.67
N ARG A 243 -2.93 11.21 -20.84
CA ARG A 243 -3.32 12.00 -21.99
C ARG A 243 -2.54 11.61 -23.25
N ILE A 244 -1.30 11.18 -23.08
CA ILE A 244 -0.44 10.80 -24.20
C ILE A 244 -0.42 9.30 -24.51
N GLN A 245 -0.26 8.47 -23.48
CA GLN A 245 -0.16 7.02 -23.69
C GLN A 245 -1.36 6.15 -23.34
N HIS A 246 -2.49 6.74 -22.97
CA HIS A 246 -3.64 5.91 -22.62
C HIS A 246 -4.95 6.26 -23.34
N PRO A 247 -5.26 5.52 -24.41
CA PRO A 247 -6.48 5.70 -25.22
C PRO A 247 -7.75 5.44 -24.44
N GLY A 248 -8.75 6.28 -24.63
CA GLY A 248 -10.02 6.10 -23.93
C GLY A 248 -9.88 6.43 -22.46
N GLY A 249 -8.82 7.17 -22.12
CA GLY A 249 -8.60 7.55 -20.74
C GLY A 249 -8.75 9.03 -20.50
N ARG A 250 -9.79 9.62 -21.09
CA ARG A 250 -10.07 11.04 -20.95
C ARG A 250 -10.47 11.38 -19.52
N LEU A 251 -11.14 10.45 -18.86
CA LEU A 251 -11.60 10.66 -17.49
C LEU A 251 -11.03 9.66 -16.48
N LEU A 252 -9.85 9.12 -16.76
CA LEU A 252 -9.22 8.16 -15.87
C LEU A 252 -8.58 8.83 -14.65
N TYR A 253 -7.78 9.86 -14.90
CA TYR A 253 -7.11 10.58 -13.82
C TYR A 253 -8.04 10.92 -12.67
N ALA A 254 -9.22 11.44 -12.99
CA ALA A 254 -10.19 11.82 -11.98
C ALA A 254 -10.59 10.59 -11.16
N LYS A 255 -10.89 9.51 -11.84
CA LYS A 255 -11.29 8.28 -11.18
C LYS A 255 -10.18 7.80 -10.26
N MET A 256 -8.93 8.00 -10.68
CA MET A 256 -7.79 7.58 -9.88
C MET A 256 -7.69 8.40 -8.59
N ILE A 257 -7.78 9.72 -8.71
CA ILE A 257 -7.73 10.59 -7.55
C ILE A 257 -8.87 10.22 -6.61
N GLN A 258 -10.01 9.82 -7.17
CA GLN A 258 -11.13 9.42 -6.35
C GLN A 258 -10.75 8.14 -5.58
N LYS A 259 -10.00 7.27 -6.24
CA LYS A 259 -9.55 6.01 -5.61
C LYS A 259 -8.69 6.31 -4.39
N LEU A 260 -7.96 7.43 -4.43
CA LEU A 260 -7.12 7.82 -3.32
C LEU A 260 -7.98 8.26 -2.14
N ALA A 261 -9.16 8.78 -2.45
CA ALA A 261 -10.08 9.23 -1.42
C ALA A 261 -10.72 8.03 -0.73
N ASP A 262 -10.96 6.97 -1.51
CA ASP A 262 -11.57 5.75 -0.97
C ASP A 262 -10.58 5.10 -0.01
N LEU A 263 -9.30 5.17 -0.36
CA LEU A 263 -8.26 4.62 0.47
C LEU A 263 -8.29 5.25 1.88
N ARG A 264 -8.46 6.57 1.94
CA ARG A 264 -8.52 7.26 3.24
C ARG A 264 -9.59 6.65 4.14
N SER A 265 -10.78 6.43 3.59
CA SER A 265 -11.89 5.85 4.35
C SER A 265 -11.50 4.46 4.83
N LEU A 266 -10.91 3.67 3.94
CA LEU A 266 -10.48 2.32 4.27
C LEU A 266 -9.41 2.34 5.36
N ASN A 267 -8.49 3.31 5.25
CA ASN A 267 -7.40 3.48 6.20
C ASN A 267 -7.98 3.78 7.58
N GLU A 268 -8.94 4.69 7.62
CA GLU A 268 -9.61 5.09 8.85
C GLU A 268 -10.25 3.88 9.50
N GLU A 269 -11.01 3.12 8.72
CA GLU A 269 -11.70 1.94 9.22
C GLU A 269 -10.74 0.84 9.65
N HIS A 270 -9.66 0.66 8.89
CA HIS A 270 -8.69 -0.37 9.23
C HIS A 270 -8.04 -0.06 10.57
N SER A 271 -7.64 1.20 10.75
CA SER A 271 -7.00 1.65 11.99
C SER A 271 -7.88 1.48 13.21
N LYS A 272 -9.17 1.65 13.02
CA LYS A 272 -10.12 1.52 14.11
C LYS A 272 -10.09 0.08 14.58
N GLN A 273 -10.39 -0.83 13.65
CA GLN A 273 -10.41 -2.26 13.93
C GLN A 273 -9.06 -2.80 14.38
N TYR A 274 -7.98 -2.18 13.93
CA TYR A 274 -6.64 -2.61 14.32
C TYR A 274 -6.39 -2.23 15.77
N ARG A 275 -6.77 -1.01 16.12
CA ARG A 275 -6.58 -0.50 17.48
C ARG A 275 -7.29 -1.47 18.43
N SER A 276 -8.49 -1.89 18.06
CA SER A 276 -9.27 -2.81 18.88
C SER A 276 -8.46 -4.07 19.17
N LEU A 277 -7.87 -4.61 18.11
CA LEU A 277 -7.08 -5.82 18.18
C LEU A 277 -5.76 -5.63 18.94
N SER A 278 -5.09 -4.51 18.71
CA SER A 278 -3.81 -4.24 19.35
C SER A 278 -3.89 -4.06 20.87
N PHE A 279 -5.07 -3.77 21.40
CA PHE A 279 -5.21 -3.58 22.85
C PHE A 279 -5.45 -4.90 23.58
N GLN A 280 -5.62 -5.99 22.82
CA GLN A 280 -5.82 -7.31 23.40
C GLN A 280 -4.52 -8.09 23.27
N PRO A 281 -3.70 -8.14 24.34
CA PRO A 281 -2.42 -8.84 24.35
C PRO A 281 -2.40 -10.27 23.83
N GLU A 282 -3.51 -10.99 23.90
CA GLU A 282 -3.54 -12.37 23.37
C GLU A 282 -3.46 -12.30 21.84
N HIS A 283 -3.87 -11.17 21.28
CA HIS A 283 -3.83 -10.97 19.83
C HIS A 283 -2.61 -10.15 19.41
N SER A 284 -2.27 -9.14 20.21
CA SER A 284 -1.12 -8.31 19.87
C SER A 284 0.15 -9.16 19.82
N MET A 285 0.24 -10.19 20.65
CA MET A 285 1.41 -11.05 20.69
C MET A 285 1.63 -11.87 19.42
N GLN A 286 0.61 -11.94 18.57
CA GLN A 286 0.64 -12.67 17.29
C GLN A 286 1.19 -11.76 16.18
N LEU A 287 1.27 -10.47 16.48
CA LEU A 287 1.76 -9.49 15.52
C LEU A 287 3.29 -9.54 15.46
N THR A 288 3.88 -8.87 14.47
CA THR A 288 5.34 -8.86 14.37
C THR A 288 5.81 -7.50 14.85
N PRO A 289 7.07 -7.40 15.28
CA PRO A 289 7.62 -6.12 15.76
C PRO A 289 7.37 -4.97 14.77
N LEU A 290 7.64 -5.20 13.50
CA LEU A 290 7.46 -4.19 12.46
C LEU A 290 6.01 -3.70 12.34
N VAL A 291 5.06 -4.63 12.40
CA VAL A 291 3.66 -4.25 12.30
C VAL A 291 3.28 -3.35 13.49
N LEU A 292 3.64 -3.78 14.69
CA LEU A 292 3.36 -3.05 15.93
C LEU A 292 3.93 -1.64 15.89
N GLU A 293 5.09 -1.49 15.25
CA GLU A 293 5.77 -0.22 15.14
C GLU A 293 5.12 0.69 14.08
N VAL A 294 4.70 0.11 12.97
CA VAL A 294 4.10 0.88 11.88
C VAL A 294 2.63 1.22 12.10
N PHE A 295 1.89 0.33 12.75
CA PHE A 295 0.49 0.59 12.99
C PHE A 295 0.29 1.08 14.41
N GLY A 296 1.39 1.20 15.13
CA GLY A 296 1.34 1.69 16.50
C GLY A 296 1.16 3.19 16.56
N SER A 297 0.77 3.68 17.72
CA SER A 297 0.54 5.11 17.92
C SER A 297 1.67 5.70 18.74
N GLU A 298 2.60 4.84 19.15
CA GLU A 298 3.74 5.23 19.96
C GLU A 298 4.70 6.14 19.22
N VAL A 299 4.17 6.94 18.29
CA VAL A 299 4.98 7.86 17.52
C VAL A 299 5.68 8.85 18.47
N LYS B 1 9.35 4.27 19.30
CA LYS B 1 10.76 4.53 19.07
C LYS B 1 11.06 4.55 17.58
N HIS B 2 10.46 3.61 16.86
CA HIS B 2 10.62 3.48 15.41
C HIS B 2 12.03 3.04 15.03
N LYS B 3 12.72 2.36 15.92
CA LYS B 3 14.07 1.92 15.62
C LYS B 3 14.15 0.95 14.42
N ILE B 4 13.14 0.11 14.26
CA ILE B 4 13.14 -0.83 13.15
C ILE B 4 12.97 -0.06 11.83
N LEU B 5 12.07 0.92 11.84
CA LEU B 5 11.82 1.74 10.65
C LEU B 5 13.05 2.55 10.26
N HIS B 6 13.78 3.08 11.23
CA HIS B 6 14.97 3.86 10.94
C HIS B 6 16.02 2.99 10.26
N ARG B 7 16.26 1.81 10.82
CA ARG B 7 17.25 0.90 10.25
C ARG B 7 16.91 0.57 8.79
N LEU B 8 15.65 0.25 8.53
CA LEU B 8 15.20 -0.10 7.18
C LEU B 8 15.25 1.08 6.22
N LEU B 9 15.11 2.29 6.76
CA LEU B 9 15.14 3.49 5.93
C LEU B 9 16.56 3.97 5.63
N GLN B 10 17.57 3.30 6.19
CA GLN B 10 18.95 3.71 5.95
C GLN B 10 19.45 3.23 4.57
#